data_9FOT
#
_entry.id   9FOT
#
_cell.length_a   1.00
_cell.length_b   1.00
_cell.length_c   1.00
_cell.angle_alpha   90.00
_cell.angle_beta   90.00
_cell.angle_gamma   90.00
#
_symmetry.space_group_name_H-M   'P 1'
#
loop_
_entity.id
_entity.type
_entity.pdbx_description
1 polymer 'Monocarboxylate transporter 8'
2 polymer 'Alfa-tag binding nanobody'
3 non-polymer (2~{R},3~{R})-2-[(2~{S},3~{R})-3-(hydroxymethyl)-2-(3-methoxy-4-oxidanyl-phenyl)-7-oxidanyl-2,3-dihydro-1-benzofuran-5-yl]-3,5,7-tris(oxidanyl)-2,3-dihydrochromen-4-one
#
loop_
_entity_poly.entity_id
_entity_poly.type
_entity_poly.pdbx_seq_one_letter_code
_entity_poly.pdbx_strand_id
1 'polypeptide(L)'
;MDYKDDDDKALQSQASEEAKGPWQEADQEQQEPVGSPEPESEPEPEPEPEPVPVPPPEPQPEPQPLPDPAPLPELEFESE
RVHEPEPTPTVETRGTARGFQPPEGGFGWVVVFAATWCNGSIFGIHNSVGILYSMLLEEEKEKNRQVEFQAAWVGALAMG
MIFFCSPIVSIFTDRLGCRITATAGAAVAFIGLHTSSFTSSLSLRYFTYGILFGCGCSFAFQPSLVILGHYFQRRLGLAN
GVVSAGSSIFSMSFPFLIRMLGDKIKLAQTFQVLSTFMFVLMLLSLTYRPLLPSSQDTPSKRGVRTLHQRFLAQLRKYFN
MRVFRQRTYRIWAFGIAAAALGYFVPYVHLMKYVEEEFSEIKETWVLLVCIGATSGLGRLVSGHISDSIPGLKKIYLQVL
SFLLLGLMSMMIPLCRDFGGLIVVCLFLGLCDGFFITIMAPIAFELVGPMQASQAIGYLLGMMALPMIAGPPIAGLLRNC
FGDYHVAFYFAGVPPIIGAVILFFVPSRLEEELRRRLTEPI
;
A
2 'polypeptide(L)'
;GSEVQLQESGGGLVQPGGSLRLSCTASGVTISALNAMAMGWYRQAPGERRVMVAAVSERGNAMYRESVQGRFTVTRDFTN
KMVSLQMDNLKPEDTAVYYCHVLEDRVDSFHDYWGQGTQVTVSS
;
B
#
loop_
_chem_comp.id
_chem_comp.type
_chem_comp.name
_chem_comp.formula
A1IET non-polymer (2~{R},3~{R})-2-[(2~{S},3~{R})-3-(hydroxymethyl)-2-(3-methoxy-4-oxidanyl-phenyl)-7-oxidanyl-2,3-dihydro-1-benzofuran-5-yl]-3,5,7-tris(oxidanyl)-2,3-dihydrochromen-4-one 'C25 H22 O10'
#
# COMPACT_ATOMS: atom_id res chain seq x y z
N PRO A 102 10.73 -20.90 6.42
CA PRO A 102 10.34 -20.32 7.70
C PRO A 102 9.32 -21.18 8.45
N PRO A 103 9.31 -21.10 9.78
CA PRO A 103 8.41 -21.97 10.55
C PRO A 103 6.94 -21.77 10.24
N GLU A 104 6.53 -20.54 9.94
CA GLU A 104 5.11 -20.21 9.76
C GLU A 104 4.29 -20.62 10.98
N GLY A 105 4.87 -20.40 12.16
CA GLY A 105 4.19 -20.79 13.40
C GLY A 105 5.20 -20.98 14.51
N GLY A 106 4.80 -21.78 15.50
CA GLY A 106 5.71 -22.06 16.60
C GLY A 106 6.02 -20.79 17.37
N PHE A 107 7.27 -20.33 17.23
CA PHE A 107 7.71 -19.16 17.96
C PHE A 107 7.21 -17.85 17.36
N GLY A 108 6.64 -17.89 16.16
CA GLY A 108 6.16 -16.68 15.52
C GLY A 108 4.98 -16.03 16.23
N TRP A 109 4.24 -16.79 17.03
CA TRP A 109 3.03 -16.24 17.64
C TRP A 109 3.33 -15.30 18.79
N VAL A 110 4.40 -15.55 19.55
CA VAL A 110 4.80 -14.58 20.56
C VAL A 110 5.26 -13.29 19.91
N VAL A 111 5.94 -13.38 18.77
CA VAL A 111 6.31 -12.18 18.02
C VAL A 111 5.07 -11.45 17.53
N VAL A 112 4.07 -12.21 17.09
CA VAL A 112 2.80 -11.60 16.70
C VAL A 112 2.18 -10.84 17.87
N PHE A 113 2.21 -11.44 19.05
CA PHE A 113 1.67 -10.79 20.24
C PHE A 113 2.44 -9.51 20.55
N ALA A 114 3.78 -9.55 20.44
CA ALA A 114 4.58 -8.37 20.70
C ALA A 114 4.27 -7.25 19.72
N ALA A 115 4.14 -7.58 18.43
CA ALA A 115 3.81 -6.56 17.43
C ALA A 115 2.43 -5.99 17.67
N THR A 116 1.47 -6.83 18.04
CA THR A 116 0.13 -6.33 18.38
C THR A 116 0.20 -5.35 19.54
N TRP A 117 0.95 -5.70 20.58
CA TRP A 117 1.10 -4.79 21.71
C TRP A 117 1.71 -3.47 21.26
N CYS A 118 2.76 -3.53 20.44
CA CYS A 118 3.43 -2.31 19.98
C CYS A 118 2.46 -1.39 19.26
N ASN A 119 1.79 -1.91 18.23
CA ASN A 119 0.90 -1.07 17.43
C ASN A 119 -0.25 -0.54 18.29
N GLY A 120 -0.87 -1.42 19.07
CA GLY A 120 -2.00 -0.99 19.89
C GLY A 120 -1.61 0.11 20.87
N SER A 121 -0.50 -0.08 21.60
CA SER A 121 -0.08 0.94 22.55
C SER A 121 0.23 2.26 21.85
N ILE A 122 0.98 2.22 20.74
CA ILE A 122 1.34 3.45 20.05
C ILE A 122 0.09 4.22 19.66
N PHE A 123 -0.79 3.59 18.88
CA PHE A 123 -1.92 4.33 18.35
C PHE A 123 -2.94 4.68 19.43
N GLY A 124 -3.07 3.84 20.46
CA GLY A 124 -3.97 4.18 21.55
C GLY A 124 -3.50 5.40 22.32
N ILE A 125 -2.20 5.48 22.61
CA ILE A 125 -1.67 6.65 23.28
C ILE A 125 -1.86 7.89 22.42
N HIS A 126 -1.58 7.76 21.12
CA HIS A 126 -1.71 8.93 20.24
C HIS A 126 -3.15 9.41 20.17
N ASN A 127 -4.12 8.49 20.15
CA ASN A 127 -5.51 8.90 20.12
C ASN A 127 -5.96 9.45 21.47
N SER A 128 -5.43 8.91 22.57
CA SER A 128 -5.89 9.31 23.90
C SER A 128 -5.39 10.70 24.27
N VAL A 129 -4.14 11.01 23.94
CA VAL A 129 -3.61 12.32 24.32
C VAL A 129 -4.39 13.44 23.62
N GLY A 130 -4.74 13.24 22.35
CA GLY A 130 -5.52 14.25 21.65
C GLY A 130 -6.86 14.50 22.30
N ILE A 131 -7.54 13.43 22.71
CA ILE A 131 -8.82 13.59 23.41
C ILE A 131 -8.61 14.32 24.73
N LEU A 132 -7.56 13.97 25.46
CA LEU A 132 -7.31 14.62 26.76
C LEU A 132 -7.07 16.11 26.58
N TYR A 133 -6.30 16.49 25.56
CA TYR A 133 -6.02 17.91 25.36
C TYR A 133 -7.29 18.71 25.13
N SER A 134 -8.24 18.16 24.36
CA SER A 134 -9.46 18.90 24.06
C SER A 134 -10.24 19.26 25.31
N MET A 135 -10.35 18.31 26.25
CA MET A 135 -11.10 18.58 27.47
C MET A 135 -10.43 19.67 28.31
N LEU A 136 -9.10 19.59 28.45
CA LEU A 136 -8.38 20.60 29.22
C LEU A 136 -8.45 21.96 28.56
N LEU A 137 -8.46 22.00 27.22
CA LEU A 137 -8.61 23.28 26.53
C LEU A 137 -9.91 23.95 26.90
N GLU A 138 -11.02 23.21 26.91
CA GLU A 138 -12.29 23.79 27.32
C GLU A 138 -12.28 24.17 28.80
N GLU A 139 -11.73 23.31 29.65
CA GLU A 139 -11.76 23.58 31.09
C GLU A 139 -10.98 24.83 31.46
N GLU A 140 -9.79 25.02 30.87
CA GLU A 140 -8.89 26.09 31.26
C GLU A 140 -8.59 26.97 30.04
N LYS A 141 -8.55 28.28 30.25
CA LYS A 141 -8.24 29.20 29.17
C LYS A 141 -6.73 29.25 28.95
N GLU A 142 -6.35 29.81 27.79
CA GLU A 142 -4.94 29.87 27.42
C GLU A 142 -4.17 30.73 28.42
N LYS A 143 -2.95 30.32 28.72
CA LYS A 143 -2.08 31.06 29.62
C LYS A 143 -0.63 30.65 29.44
N VAL A 147 -0.93 29.59 21.05
CA VAL A 147 -1.49 28.60 21.97
C VAL A 147 -2.69 27.93 21.31
N GLU A 148 -3.55 28.74 20.68
CA GLU A 148 -4.77 28.21 20.09
C GLU A 148 -4.46 27.19 18.99
N PHE A 149 -3.61 27.56 18.04
CA PHE A 149 -3.25 26.65 16.96
C PHE A 149 -2.18 25.65 17.39
N GLN A 150 -1.23 26.10 18.20
CA GLN A 150 -0.14 25.21 18.62
C GLN A 150 -0.67 24.03 19.41
N ALA A 151 -1.78 24.20 20.13
CA ALA A 151 -2.33 23.12 20.92
C ALA A 151 -2.65 21.89 20.06
N ALA A 152 -3.13 22.12 18.84
CA ALA A 152 -3.41 20.99 17.94
C ALA A 152 -2.21 20.68 17.05
N TRP A 153 -1.40 21.70 16.74
CA TRP A 153 -0.22 21.44 15.91
C TRP A 153 0.78 20.53 16.62
N VAL A 154 0.84 20.58 17.95
CA VAL A 154 1.75 19.68 18.66
C VAL A 154 1.34 18.23 18.46
N GLY A 155 0.05 17.94 18.63
CA GLY A 155 -0.43 16.59 18.38
C GLY A 155 -0.25 16.18 16.93
N ALA A 156 -0.48 17.11 16.00
CA ALA A 156 -0.28 16.80 14.59
C ALA A 156 1.18 16.44 14.32
N LEU A 157 2.11 17.21 14.90
CA LEU A 157 3.53 16.92 14.73
C LEU A 157 3.88 15.56 15.30
N ALA A 158 3.36 15.25 16.50
CA ALA A 158 3.65 13.96 17.11
C ALA A 158 3.13 12.82 16.24
N MET A 159 1.93 12.96 15.69
CA MET A 159 1.38 11.92 14.84
C MET A 159 2.18 11.78 13.54
N GLY A 160 2.60 12.90 12.96
CA GLY A 160 3.24 12.87 11.66
C GLY A 160 4.69 12.42 11.71
N MET A 161 5.37 12.64 12.85
CA MET A 161 6.77 12.26 12.95
C MET A 161 6.94 10.76 12.74
N ILE A 162 5.97 9.96 13.17
CA ILE A 162 6.06 8.51 13.03
C ILE A 162 6.32 8.14 11.58
N PHE A 163 5.54 8.69 10.67
CA PHE A 163 5.70 8.37 9.25
C PHE A 163 6.85 9.15 8.63
N PHE A 164 7.10 10.37 9.11
CA PHE A 164 8.11 11.21 8.46
C PHE A 164 9.51 10.66 8.71
N CYS A 165 9.75 10.06 9.87
CA CYS A 165 11.10 9.59 10.21
C CYS A 165 11.37 8.14 9.77
N SER A 166 10.41 7.48 9.15
CA SER A 166 10.60 6.08 8.79
C SER A 166 11.81 5.83 7.92
N PRO A 167 12.10 6.63 6.89
CA PRO A 167 13.28 6.34 6.06
C PRO A 167 14.58 6.29 6.85
N ILE A 168 14.74 7.14 7.87
CA ILE A 168 15.94 7.09 8.71
C ILE A 168 15.91 5.84 9.58
N VAL A 169 14.73 5.44 10.05
CA VAL A 169 14.62 4.25 10.88
C VAL A 169 14.99 3.01 10.09
N SER A 170 14.70 3.00 8.79
CA SER A 170 14.96 1.81 7.99
C SER A 170 16.45 1.48 7.92
N ILE A 171 17.30 2.49 7.79
CA ILE A 171 18.74 2.22 7.72
C ILE A 171 19.26 1.74 9.06
N PHE A 172 18.77 2.32 10.17
CA PHE A 172 19.15 1.83 11.48
C PHE A 172 18.73 0.36 11.66
N THR A 173 17.52 0.03 11.21
CA THR A 173 17.11 -1.38 11.20
C THR A 173 18.11 -2.22 10.45
N ASP A 174 18.32 -1.93 9.16
CA ASP A 174 19.18 -2.75 8.32
C ASP A 174 20.58 -2.88 8.91
N ARG A 175 21.06 -1.86 9.63
CA ARG A 175 22.42 -1.91 10.16
C ARG A 175 22.50 -2.69 11.48
N LEU A 176 21.62 -2.38 12.44
CA LEU A 176 21.75 -2.95 13.78
C LEU A 176 20.92 -4.21 13.98
N GLY A 177 19.66 -4.22 13.56
CA GLY A 177 18.75 -5.30 13.89
C GLY A 177 17.44 -4.80 14.45
N CYS A 178 16.39 -5.57 14.17
CA CYS A 178 15.05 -5.19 14.59
C CYS A 178 14.94 -5.12 16.11
N ARG A 179 15.51 -6.09 16.81
CA ARG A 179 15.43 -6.10 18.26
C ARG A 179 16.05 -4.85 18.87
N ILE A 180 17.28 -4.53 18.45
CA ILE A 180 17.96 -3.36 19.00
C ILE A 180 17.23 -2.08 18.64
N THR A 181 16.80 -1.95 17.38
CA THR A 181 16.11 -0.74 16.96
C THR A 181 14.83 -0.54 17.75
N ALA A 182 14.02 -1.59 17.88
CA ALA A 182 12.78 -1.48 18.62
C ALA A 182 13.02 -1.18 20.10
N THR A 183 14.02 -1.82 20.71
CA THR A 183 14.29 -1.57 22.12
C THR A 183 14.71 -0.12 22.33
N ALA A 184 15.59 0.41 21.47
CA ALA A 184 16.01 1.80 21.61
C ALA A 184 14.85 2.75 21.40
N GLY A 185 14.01 2.49 20.40
CA GLY A 185 12.85 3.35 20.18
C GLY A 185 11.90 3.35 21.35
N ALA A 186 11.65 2.16 21.92
CA ALA A 186 10.78 2.08 23.08
C ALA A 186 11.36 2.82 24.27
N ALA A 187 12.68 2.71 24.49
CA ALA A 187 13.30 3.43 25.59
C ALA A 187 13.16 4.94 25.40
N VAL A 188 13.40 5.43 24.19
CA VAL A 188 13.29 6.87 23.93
C VAL A 188 11.86 7.33 24.13
N ALA A 189 10.89 6.56 23.64
CA ALA A 189 9.48 6.94 23.82
C ALA A 189 9.11 6.96 25.30
N PHE A 190 9.59 5.98 26.06
CA PHE A 190 9.34 5.96 27.50
C PHE A 190 9.91 7.21 28.17
N ILE A 191 11.15 7.57 27.81
CA ILE A 191 11.76 8.77 28.39
C ILE A 191 10.93 10.00 28.06
N GLY A 192 10.50 10.12 26.80
CA GLY A 192 9.72 11.28 26.42
C GLY A 192 8.41 11.38 27.17
N LEU A 193 7.67 10.27 27.24
CA LEU A 193 6.40 10.27 27.95
C LEU A 193 6.60 10.60 29.42
N HIS A 194 7.63 10.03 30.04
CA HIS A 194 7.89 10.32 31.45
C HIS A 194 8.23 11.78 31.67
N THR A 195 9.05 12.35 30.78
CA THR A 195 9.47 13.74 30.93
C THR A 195 8.34 14.71 30.63
N SER A 196 7.32 14.30 29.88
CA SER A 196 6.20 15.19 29.59
C SER A 196 5.45 15.62 30.85
N SER A 197 5.62 14.90 31.96
CA SER A 197 4.90 15.21 33.19
C SER A 197 5.34 16.53 33.83
N PHE A 198 6.44 17.12 33.38
CA PHE A 198 6.95 18.35 33.98
C PHE A 198 5.90 19.46 33.89
N THR A 199 6.16 20.54 34.62
CA THR A 199 5.24 21.67 34.67
C THR A 199 4.81 22.09 33.27
N SER A 200 3.57 22.57 33.15
CA SER A 200 3.01 22.92 31.86
C SER A 200 3.80 24.06 31.22
N SER A 201 4.14 23.88 29.94
CA SER A 201 4.82 24.90 29.17
C SER A 201 4.75 24.49 27.70
N LEU A 202 4.32 25.42 26.84
CA LEU A 202 4.19 25.09 25.42
C LEU A 202 5.54 24.73 24.81
N SER A 203 6.59 25.49 25.14
CA SER A 203 7.90 25.22 24.57
C SER A 203 8.42 23.85 24.96
N LEU A 204 8.29 23.48 26.23
CA LEU A 204 8.76 22.17 26.67
C LEU A 204 7.88 21.05 26.15
N ARG A 205 6.56 21.29 26.05
CA ARG A 205 5.68 20.29 25.47
C ARG A 205 6.07 20.00 24.02
N TYR A 206 6.29 21.05 23.23
CA TYR A 206 6.72 20.84 21.86
C TYR A 206 7.83 19.80 21.78
N PHE A 207 8.96 20.08 22.41
CA PHE A 207 10.07 19.13 22.39
C PHE A 207 9.63 17.78 22.93
N THR A 208 9.31 17.72 24.22
CA THR A 208 9.16 16.43 24.89
C THR A 208 8.16 15.54 24.18
N TYR A 209 7.01 16.08 23.80
CA TYR A 209 5.99 15.25 23.17
C TYR A 209 6.24 15.05 21.68
N GLY A 210 6.32 16.14 20.91
CA GLY A 210 6.40 15.98 19.46
C GLY A 210 7.65 15.24 19.02
N ILE A 211 8.82 15.63 19.56
CA ILE A 211 10.07 15.11 19.02
C ILE A 211 10.43 13.79 19.70
N LEU A 212 10.61 13.80 21.01
CA LEU A 212 11.09 12.60 21.69
C LEU A 212 10.12 11.43 21.51
N PHE A 213 8.86 11.63 21.90
CA PHE A 213 7.88 10.55 21.83
C PHE A 213 7.60 10.18 20.37
N GLY A 214 7.51 11.17 19.50
CA GLY A 214 7.24 10.89 18.09
C GLY A 214 8.33 10.04 17.46
N CYS A 215 9.59 10.41 17.69
CA CYS A 215 10.69 9.64 17.12
C CYS A 215 10.81 8.28 17.77
N GLY A 216 10.52 8.18 19.07
CA GLY A 216 10.51 6.86 19.70
C GLY A 216 9.48 5.93 19.07
N CYS A 217 8.27 6.44 18.85
CA CYS A 217 7.26 5.65 18.18
C CYS A 217 7.68 5.31 16.76
N SER A 218 8.32 6.26 16.06
CA SER A 218 8.79 5.99 14.71
C SER A 218 9.79 4.85 14.69
N PHE A 219 10.73 4.85 15.64
CA PHE A 219 11.74 3.80 15.70
C PHE A 219 11.14 2.47 16.13
N ALA A 220 10.07 2.52 16.94
CA ALA A 220 9.46 1.28 17.41
C ALA A 220 8.49 0.69 16.40
N PHE A 221 8.02 1.49 15.43
CA PHE A 221 6.95 1.03 14.56
C PHE A 221 7.47 0.13 13.44
N GLN A 222 8.38 0.64 12.61
CA GLN A 222 8.77 -0.09 11.40
C GLN A 222 9.32 -1.48 11.70
N PRO A 223 10.18 -1.68 12.70
CA PRO A 223 10.62 -3.05 12.99
C PRO A 223 9.48 -3.99 13.30
N SER A 224 8.38 -3.51 13.88
CA SER A 224 7.22 -4.36 14.12
C SER A 224 6.64 -4.91 12.82
N LEU A 225 6.65 -4.11 11.75
CA LEU A 225 6.19 -4.60 10.46
C LEU A 225 7.22 -5.51 9.81
N VAL A 226 8.51 -5.17 9.95
CA VAL A 226 9.54 -5.94 9.26
C VAL A 226 9.69 -7.33 9.86
N ILE A 227 9.54 -7.46 11.19
CA ILE A 227 9.89 -8.70 11.86
C ILE A 227 9.02 -9.87 11.39
N LEU A 228 7.74 -9.61 11.15
CA LEU A 228 6.82 -10.71 10.85
C LEU A 228 7.26 -11.51 9.64
N GLY A 229 7.87 -10.84 8.65
CA GLY A 229 8.27 -11.53 7.44
C GLY A 229 9.33 -12.59 7.64
N HIS A 230 10.03 -12.58 8.78
CA HIS A 230 11.07 -13.57 9.02
C HIS A 230 10.51 -14.92 9.47
N TYR A 231 9.25 -14.98 9.87
CA TYR A 231 8.64 -16.23 10.34
C TYR A 231 7.50 -16.72 9.48
N PHE A 232 6.76 -15.81 8.83
CA PHE A 232 5.62 -16.18 8.02
C PHE A 232 5.85 -15.79 6.57
N GLN A 233 5.73 -16.78 5.68
CA GLN A 233 5.82 -16.55 4.25
C GLN A 233 4.54 -17.00 3.56
N ARG A 234 4.07 -18.20 3.90
CA ARG A 234 2.83 -18.72 3.33
C ARG A 234 1.61 -18.24 4.11
N ARG A 235 1.79 -17.71 5.32
CA ARG A 235 0.69 -17.24 6.15
C ARG A 235 0.94 -15.81 6.63
N LEU A 236 1.77 -15.06 5.91
CA LEU A 236 2.09 -13.69 6.31
C LEU A 236 0.85 -12.81 6.29
N GLY A 237 -0.06 -13.02 5.34
CA GLY A 237 -1.29 -12.26 5.33
C GLY A 237 -2.12 -12.48 6.57
N LEU A 238 -2.25 -13.73 7.01
CA LEU A 238 -2.99 -14.03 8.23
C LEU A 238 -2.30 -13.41 9.44
N ALA A 239 -0.97 -13.48 9.49
CA ALA A 239 -0.25 -12.88 10.60
C ALA A 239 -0.51 -11.38 10.67
N ASN A 240 -0.40 -10.69 9.53
CA ASN A 240 -0.65 -9.26 9.50
C ASN A 240 -2.09 -8.93 9.85
N GLY A 241 -3.05 -9.75 9.41
CA GLY A 241 -4.43 -9.51 9.76
C GLY A 241 -4.68 -9.63 11.25
N VAL A 242 -4.09 -10.65 11.88
CA VAL A 242 -4.20 -10.80 13.33
C VAL A 242 -3.61 -9.59 14.03
N VAL A 243 -2.41 -9.18 13.60
CA VAL A 243 -1.74 -8.05 14.25
C VAL A 243 -2.60 -6.80 14.13
N SER A 244 -3.15 -6.55 12.94
CA SER A 244 -3.93 -5.34 12.72
C SER A 244 -5.25 -5.35 13.49
N ALA A 245 -5.93 -6.50 13.55
CA ALA A 245 -7.16 -6.57 14.32
C ALA A 245 -6.89 -6.35 15.81
N GLY A 246 -5.84 -6.98 16.33
CA GLY A 246 -5.47 -6.75 17.71
C GLY A 246 -5.12 -5.30 17.97
N SER A 247 -4.39 -4.68 17.05
CA SER A 247 -4.06 -3.26 17.19
C SER A 247 -5.32 -2.40 17.21
N SER A 248 -6.28 -2.69 16.34
CA SER A 248 -7.51 -1.92 16.32
C SER A 248 -8.24 -2.03 17.65
N ILE A 249 -8.42 -3.24 18.16
CA ILE A 249 -9.14 -3.41 19.42
C ILE A 249 -8.39 -2.72 20.56
N PHE A 250 -7.08 -2.92 20.62
CA PHE A 250 -6.28 -2.33 21.69
C PHE A 250 -6.36 -0.81 21.66
N SER A 251 -6.23 -0.21 20.48
CA SER A 251 -6.31 1.24 20.37
C SER A 251 -7.69 1.75 20.78
N MET A 252 -8.74 1.06 20.33
CA MET A 252 -10.09 1.50 20.69
C MET A 252 -10.32 1.40 22.20
N SER A 253 -9.64 0.47 22.87
CA SER A 253 -9.88 0.28 24.30
C SER A 253 -9.32 1.40 25.18
N PHE A 254 -8.39 2.21 24.67
CA PHE A 254 -7.70 3.17 25.54
C PHE A 254 -8.63 4.23 26.11
N PRO A 255 -9.25 5.11 25.31
CA PRO A 255 -10.12 6.13 25.90
C PRO A 255 -11.23 5.53 26.74
N PHE A 256 -11.83 4.44 26.29
CA PHE A 256 -12.88 3.79 27.07
C PHE A 256 -12.37 3.41 28.44
N LEU A 257 -11.08 3.10 28.55
CA LEU A 257 -10.48 2.78 29.83
C LEU A 257 -10.29 4.04 30.67
N ILE A 258 -9.50 4.99 30.15
CA ILE A 258 -9.07 6.11 30.99
C ILE A 258 -10.24 7.02 31.35
N ARG A 259 -11.17 7.26 30.43
CA ARG A 259 -12.25 8.20 30.69
C ARG A 259 -13.08 7.79 31.90
N MET A 260 -13.06 6.52 32.29
CA MET A 260 -13.74 6.05 33.48
C MET A 260 -12.77 5.85 34.65
N LEU A 261 -11.62 5.21 34.41
CA LEU A 261 -10.74 4.83 35.50
C LEU A 261 -9.76 5.92 35.91
N GLY A 262 -9.81 7.10 35.30
CA GLY A 262 -8.91 8.17 35.68
C GLY A 262 -9.22 8.79 37.03
N ASP A 263 -10.46 8.69 37.50
CA ASP A 263 -10.86 9.22 38.79
C ASP A 263 -10.64 10.73 38.86
N LYS A 264 -10.75 11.40 37.71
CA LYS A 264 -10.61 12.85 37.62
C LYS A 264 -9.25 13.33 38.13
N ILE A 265 -8.20 12.55 37.90
CA ILE A 265 -6.87 12.97 38.32
C ILE A 265 -6.29 13.94 37.31
N LYS A 266 -5.37 14.78 37.77
CA LYS A 266 -4.84 15.85 36.94
C LYS A 266 -4.09 15.30 35.74
N LEU A 267 -3.95 16.13 34.70
CA LEU A 267 -3.29 15.70 33.47
C LEU A 267 -1.86 15.25 33.73
N ALA A 268 -1.25 15.74 34.80
CA ALA A 268 0.16 15.43 35.05
C ALA A 268 0.39 13.93 35.22
N GLN A 269 -0.48 13.25 35.95
CA GLN A 269 -0.27 11.83 36.24
C GLN A 269 -0.71 10.92 35.09
N THR A 270 -1.47 11.44 34.13
CA THR A 270 -1.85 10.61 32.99
C THR A 270 -0.63 10.17 32.18
N PHE A 271 0.33 11.07 31.97
CA PHE A 271 1.55 10.69 31.27
C PHE A 271 2.32 9.64 32.05
N GLN A 272 2.39 9.77 33.38
CA GLN A 272 3.07 8.76 34.19
C GLN A 272 2.39 7.40 34.05
N VAL A 273 1.06 7.38 34.05
CA VAL A 273 0.33 6.12 33.87
C VAL A 273 0.62 5.55 32.49
N LEU A 274 0.59 6.38 31.45
CA LEU A 274 0.74 5.89 30.10
C LEU A 274 2.17 5.40 29.82
N SER A 275 3.16 5.93 30.54
CA SER A 275 4.53 5.51 30.31
C SER A 275 4.74 4.02 30.58
N THR A 276 3.87 3.40 31.39
CA THR A 276 4.02 2.00 31.69
C THR A 276 3.83 1.12 30.45
N PHE A 277 2.95 1.54 29.54
CA PHE A 277 2.78 0.79 28.29
C PHE A 277 4.07 0.79 27.47
N MET A 278 4.73 1.95 27.39
CA MET A 278 6.02 1.99 26.69
C MET A 278 7.07 1.14 27.39
N PHE A 279 7.07 1.14 28.72
CA PHE A 279 8.02 0.30 29.45
C PHE A 279 7.79 -1.18 29.16
N VAL A 280 6.52 -1.60 29.17
CA VAL A 280 6.20 -3.01 28.91
C VAL A 280 6.54 -3.36 27.46
N LEU A 281 6.32 -2.43 26.54
CA LEU A 281 6.72 -2.67 25.15
C LEU A 281 8.23 -2.82 25.04
N MET A 282 8.98 -2.00 25.78
CA MET A 282 10.43 -2.14 25.81
C MET A 282 10.82 -3.53 26.27
N LEU A 283 10.16 -4.03 27.32
CA LEU A 283 10.46 -5.38 27.79
C LEU A 283 10.11 -6.43 26.73
N LEU A 284 8.94 -6.29 26.09
CA LEU A 284 8.50 -7.28 25.12
C LEU A 284 9.37 -7.28 23.86
N SER A 285 10.00 -6.15 23.54
CA SER A 285 10.77 -6.07 22.31
C SER A 285 11.91 -7.07 22.26
N LEU A 286 12.33 -7.60 23.42
CA LEU A 286 13.39 -8.60 23.43
C LEU A 286 12.97 -9.91 22.76
N THR A 287 11.67 -10.12 22.58
CA THR A 287 11.20 -11.37 21.97
C THR A 287 11.66 -11.48 20.52
N TYR A 288 11.89 -10.36 19.84
CA TYR A 288 12.34 -10.39 18.46
C TYR A 288 13.68 -11.10 18.37
N ARG A 289 13.76 -12.12 17.51
CA ARG A 289 14.98 -12.86 17.30
C ARG A 289 15.26 -12.98 15.80
N PRO A 290 16.53 -12.96 15.40
CA PRO A 290 16.83 -12.94 13.96
C PRO A 290 16.83 -14.32 13.33
N LEU A 291 16.46 -14.36 12.05
CA LEU A 291 16.55 -15.56 11.25
C LEU A 291 17.15 -15.33 9.87
N LEU A 292 17.25 -14.09 9.40
CA LEU A 292 17.92 -13.79 8.14
C LEU A 292 18.48 -12.38 8.16
N TYR A 318 24.61 3.98 2.24
CA TYR A 318 23.55 4.80 2.80
C TYR A 318 22.86 5.61 1.70
N PHE A 319 21.54 5.76 1.82
CA PHE A 319 20.75 6.51 0.84
C PHE A 319 21.00 5.99 -0.57
N ASN A 320 21.07 4.66 -0.69
CA ASN A 320 21.34 4.04 -1.98
C ASN A 320 20.17 4.16 -2.95
N MET A 321 18.94 4.15 -2.45
CA MET A 321 17.74 4.24 -3.31
C MET A 321 17.73 3.15 -4.36
N ARG A 322 18.13 1.93 -3.98
CA ARG A 322 18.09 0.80 -4.90
C ARG A 322 16.66 0.42 -5.24
N VAL A 323 15.75 0.56 -4.28
CA VAL A 323 14.38 0.08 -4.46
C VAL A 323 13.68 0.81 -5.60
N PHE A 324 13.88 2.12 -5.71
CA PHE A 324 13.14 2.91 -6.69
C PHE A 324 13.46 2.53 -8.14
N ARG A 325 14.35 1.55 -8.36
CA ARG A 325 14.57 1.06 -9.72
C ARG A 325 13.30 0.44 -10.29
N GLN A 326 12.56 -0.31 -9.47
CA GLN A 326 11.42 -1.05 -9.97
C GLN A 326 10.26 -0.12 -10.32
N ARG A 327 9.84 -0.19 -11.58
CA ARG A 327 8.71 0.62 -12.04
C ARG A 327 7.45 0.27 -11.27
N THR A 328 7.23 -1.02 -11.01
CA THR A 328 6.03 -1.44 -10.29
C THR A 328 5.99 -0.81 -8.90
N TYR A 329 7.09 -0.91 -8.15
CA TYR A 329 7.13 -0.33 -6.81
C TYR A 329 6.97 1.18 -6.86
N ARG A 330 7.64 1.83 -7.81
CA ARG A 330 7.55 3.28 -7.90
C ARG A 330 6.12 3.73 -8.15
N ILE A 331 5.44 3.09 -9.11
CA ILE A 331 4.06 3.46 -9.42
C ILE A 331 3.14 3.16 -8.24
N TRP A 332 3.34 2.00 -7.60
CA TRP A 332 2.49 1.63 -6.47
C TRP A 332 2.63 2.64 -5.33
N ALA A 333 3.87 3.01 -5.00
CA ALA A 333 4.09 3.97 -3.93
C ALA A 333 3.52 5.33 -4.28
N PHE A 334 3.70 5.77 -5.54
CA PHE A 334 3.14 7.05 -5.93
C PHE A 334 1.62 7.06 -5.84
N GLY A 335 0.98 5.96 -6.27
CA GLY A 335 -0.47 5.89 -6.18
C GLY A 335 -0.97 5.90 -4.74
N ILE A 336 -0.30 5.15 -3.87
CA ILE A 336 -0.70 5.15 -2.46
C ILE A 336 -0.53 6.54 -1.86
N ALA A 337 0.58 7.21 -2.17
CA ALA A 337 0.79 8.57 -1.67
C ALA A 337 -0.27 9.52 -2.19
N ALA A 338 -0.64 9.41 -3.46
CA ALA A 338 -1.69 10.27 -4.01
C ALA A 338 -3.01 10.04 -3.31
N ALA A 339 -3.37 8.77 -3.06
CA ALA A 339 -4.63 8.49 -2.37
C ALA A 339 -4.61 9.00 -0.94
N ALA A 340 -3.45 8.92 -0.28
CA ALA A 340 -3.37 9.27 1.13
C ALA A 340 -3.78 10.72 1.40
N LEU A 341 -3.72 11.59 0.38
CA LEU A 341 -4.11 12.98 0.60
C LEU A 341 -5.54 13.09 1.10
N GLY A 342 -6.47 12.37 0.47
CA GLY A 342 -7.86 12.44 0.82
C GLY A 342 -8.40 11.21 1.49
N TYR A 343 -7.56 10.18 1.69
CA TYR A 343 -8.05 8.94 2.28
C TYR A 343 -8.61 9.16 3.68
N PHE A 344 -7.91 9.95 4.51
CA PHE A 344 -8.20 9.99 5.94
C PHE A 344 -9.19 11.09 6.34
N VAL A 345 -9.69 11.89 5.41
CA VAL A 345 -10.62 12.96 5.77
C VAL A 345 -11.88 12.42 6.44
N PRO A 346 -12.56 11.41 5.88
CA PRO A 346 -13.77 10.91 6.56
C PRO A 346 -13.51 10.43 7.97
N TYR A 347 -12.49 9.60 8.17
CA TYR A 347 -12.23 9.03 9.48
C TYR A 347 -11.92 10.09 10.52
N VAL A 348 -11.60 11.31 10.10
CA VAL A 348 -11.27 12.40 11.02
C VAL A 348 -12.46 13.32 11.24
N HIS A 349 -13.26 13.58 10.20
CA HIS A 349 -14.27 14.62 10.27
C HIS A 349 -15.71 14.11 10.29
N LEU A 350 -15.94 12.80 10.18
CA LEU A 350 -17.31 12.30 10.20
C LEU A 350 -17.95 12.49 11.57
N MET A 351 -17.20 12.20 12.63
CA MET A 351 -17.73 12.31 13.99
C MET A 351 -18.05 13.74 14.38
N LYS A 352 -17.54 14.74 13.66
CA LYS A 352 -17.88 16.13 13.90
C LYS A 352 -18.90 16.67 12.92
N TYR A 353 -18.97 16.13 11.70
CA TYR A 353 -20.05 16.48 10.80
C TYR A 353 -21.38 15.94 11.32
N VAL A 354 -21.35 14.77 11.98
CA VAL A 354 -22.56 14.23 12.59
C VAL A 354 -23.10 15.16 13.67
N GLU A 355 -22.22 15.72 14.50
CA GLU A 355 -22.65 16.66 15.53
C GLU A 355 -23.17 17.96 14.96
N GLU A 356 -22.92 18.26 13.69
CA GLU A 356 -23.35 19.50 13.07
C GLU A 356 -24.60 19.35 12.24
N GLU A 357 -24.82 18.20 11.61
CA GLU A 357 -26.05 17.92 10.88
C GLU A 357 -26.80 16.80 11.57
N PHE A 358 -28.13 16.89 11.57
CA PHE A 358 -29.00 16.00 12.35
C PHE A 358 -28.37 15.67 13.71
N SER A 359 -28.04 16.73 14.46
CA SER A 359 -27.42 16.57 15.77
C SER A 359 -28.38 16.04 16.82
N GLU A 360 -29.68 15.95 16.50
CA GLU A 360 -30.66 15.51 17.48
C GLU A 360 -30.38 14.11 18.00
N ILE A 361 -29.62 13.31 17.26
CA ILE A 361 -29.39 11.91 17.63
C ILE A 361 -28.47 11.89 18.85
N LYS A 362 -28.97 11.33 19.95
CA LYS A 362 -28.17 11.26 21.18
C LYS A 362 -27.21 10.08 21.19
N GLU A 363 -27.39 9.12 20.28
CA GLU A 363 -26.56 7.92 20.21
C GLU A 363 -25.36 8.07 19.28
N THR A 364 -24.83 9.28 19.12
CA THR A 364 -23.78 9.53 18.15
C THR A 364 -22.53 8.69 18.40
N TRP A 365 -22.32 8.19 19.63
CA TRP A 365 -21.14 7.38 19.91
C TRP A 365 -21.23 6.01 19.28
N VAL A 366 -22.40 5.60 18.78
CA VAL A 366 -22.55 4.28 18.20
C VAL A 366 -21.71 4.15 16.93
N LEU A 367 -21.57 5.24 16.17
CA LEU A 367 -20.83 5.18 14.92
C LEU A 367 -19.38 4.81 15.15
N LEU A 368 -18.76 5.35 16.21
CA LEU A 368 -17.35 5.02 16.49
C LEU A 368 -17.18 3.54 16.77
N VAL A 369 -18.06 2.96 17.60
CA VAL A 369 -17.95 1.54 17.92
C VAL A 369 -18.20 0.70 16.68
N CYS A 370 -19.18 1.09 15.87
CA CYS A 370 -19.43 0.36 14.63
C CYS A 370 -18.20 0.38 13.74
N ILE A 371 -17.57 1.54 13.58
CA ILE A 371 -16.39 1.66 12.74
C ILE A 371 -15.27 0.79 13.28
N GLY A 372 -15.05 0.82 14.59
CA GLY A 372 -13.97 0.03 15.16
C GLY A 372 -14.18 -1.46 15.00
N ALA A 373 -15.38 -1.96 15.31
CA ALA A 373 -15.64 -3.38 15.18
C ALA A 373 -15.55 -3.83 13.72
N THR A 374 -16.16 -3.06 12.82
CA THR A 374 -16.10 -3.42 11.41
C THR A 374 -14.66 -3.37 10.90
N SER A 375 -13.87 -2.41 11.36
CA SER A 375 -12.47 -2.33 10.93
C SER A 375 -11.69 -3.55 11.40
N GLY A 376 -11.91 -3.97 12.65
CA GLY A 376 -11.22 -5.17 13.13
C GLY A 376 -11.60 -6.40 12.33
N LEU A 377 -12.91 -6.61 12.15
CA LEU A 377 -13.36 -7.79 11.41
C LEU A 377 -12.86 -7.76 9.97
N GLY A 378 -12.94 -6.61 9.32
CA GLY A 378 -12.48 -6.50 7.95
C GLY A 378 -10.97 -6.69 7.82
N ARG A 379 -10.20 -6.18 8.78
CA ARG A 379 -8.77 -6.41 8.76
C ARG A 379 -8.45 -7.89 8.88
N LEU A 380 -9.11 -8.60 9.80
CA LEU A 380 -8.85 -10.03 9.94
C LEU A 380 -9.24 -10.78 8.66
N VAL A 381 -10.42 -10.48 8.12
CA VAL A 381 -10.91 -11.18 6.93
C VAL A 381 -10.00 -10.91 5.74
N SER A 382 -9.59 -9.65 5.57
CA SER A 382 -8.69 -9.30 4.47
C SER A 382 -7.35 -10.01 4.62
N GLY A 383 -6.82 -10.06 5.85
CA GLY A 383 -5.58 -10.77 6.06
C GLY A 383 -5.69 -12.23 5.67
N HIS A 384 -6.80 -12.87 6.07
CA HIS A 384 -6.99 -14.27 5.69
C HIS A 384 -7.15 -14.44 4.19
N ILE A 385 -7.90 -13.55 3.54
CA ILE A 385 -8.20 -13.67 2.12
C ILE A 385 -6.94 -13.48 1.29
N SER A 386 -6.06 -12.55 1.70
CA SER A 386 -4.91 -12.21 0.88
C SER A 386 -4.02 -13.40 0.58
N ASP A 387 -4.08 -14.46 1.40
CA ASP A 387 -3.23 -15.62 1.19
C ASP A 387 -3.62 -16.44 -0.04
N SER A 388 -4.86 -16.33 -0.51
CA SER A 388 -5.32 -17.14 -1.63
C SER A 388 -5.16 -16.45 -2.98
N ILE A 389 -4.68 -15.22 -3.01
CA ILE A 389 -4.47 -14.45 -4.24
C ILE A 389 -2.97 -14.49 -4.55
N PRO A 390 -2.53 -15.15 -5.62
CA PRO A 390 -1.10 -15.28 -5.87
C PRO A 390 -0.53 -14.08 -6.62
N GLY A 391 0.72 -13.76 -6.30
CA GLY A 391 1.46 -12.77 -7.04
C GLY A 391 0.91 -11.36 -6.86
N LEU A 392 1.15 -10.52 -7.87
CA LEU A 392 0.78 -9.12 -7.83
C LEU A 392 -0.71 -8.89 -8.04
N LYS A 393 -1.54 -9.94 -8.08
CA LYS A 393 -2.98 -9.75 -8.19
C LYS A 393 -3.57 -9.20 -6.89
N LYS A 394 -2.80 -9.12 -5.82
CA LYS A 394 -3.31 -8.59 -4.56
C LYS A 394 -3.61 -7.10 -4.65
N ILE A 395 -2.99 -6.40 -5.60
CA ILE A 395 -3.21 -4.96 -5.71
C ILE A 395 -4.63 -4.64 -6.10
N TYR A 396 -5.34 -5.59 -6.71
CA TYR A 396 -6.73 -5.36 -7.07
C TYR A 396 -7.61 -5.13 -5.84
N LEU A 397 -7.27 -5.75 -4.71
CA LEU A 397 -8.01 -5.48 -3.48
C LEU A 397 -7.88 -4.01 -3.07
N GLN A 398 -6.67 -3.46 -3.13
CA GLN A 398 -6.48 -2.06 -2.80
C GLN A 398 -7.17 -1.16 -3.82
N VAL A 399 -7.15 -1.53 -5.09
CA VAL A 399 -7.84 -0.74 -6.11
C VAL A 399 -9.33 -0.67 -5.79
N LEU A 400 -9.93 -1.83 -5.49
CA LEU A 400 -11.35 -1.86 -5.16
C LEU A 400 -11.63 -1.07 -3.89
N SER A 401 -10.74 -1.17 -2.90
CA SER A 401 -10.93 -0.41 -1.66
C SER A 401 -10.92 1.09 -1.92
N PHE A 402 -9.97 1.56 -2.73
CA PHE A 402 -9.91 2.98 -3.05
C PHE A 402 -11.16 3.43 -3.80
N LEU A 403 -11.61 2.65 -4.78
CA LEU A 403 -12.82 3.02 -5.51
C LEU A 403 -14.02 3.11 -4.57
N LEU A 404 -14.19 2.08 -3.72
CA LEU A 404 -15.34 2.05 -2.82
C LEU A 404 -15.29 3.21 -1.83
N LEU A 405 -14.11 3.49 -1.27
CA LEU A 405 -14.01 4.59 -0.32
C LEU A 405 -14.29 5.93 -1.00
N GLY A 406 -13.76 6.15 -2.21
CA GLY A 406 -14.04 7.39 -2.90
C GLY A 406 -15.52 7.58 -3.15
N LEU A 407 -16.19 6.53 -3.66
CA LEU A 407 -17.62 6.66 -3.92
C LEU A 407 -18.39 6.90 -2.63
N MET A 408 -18.05 6.19 -1.56
CA MET A 408 -18.78 6.35 -0.31
C MET A 408 -18.57 7.74 0.28
N SER A 409 -17.34 8.26 0.20
CA SER A 409 -17.07 9.60 0.70
C SER A 409 -17.83 10.64 -0.10
N MET A 410 -17.88 10.49 -1.43
CA MET A 410 -18.66 11.41 -2.24
C MET A 410 -20.15 11.32 -1.95
N MET A 411 -20.64 10.14 -1.56
CA MET A 411 -22.04 9.97 -1.23
C MET A 411 -22.40 10.49 0.15
N ILE A 412 -21.49 10.45 1.11
CA ILE A 412 -21.77 10.77 2.52
C ILE A 412 -22.66 12.00 2.64
N PRO A 413 -22.36 13.12 1.97
CA PRO A 413 -23.21 14.31 2.12
C PRO A 413 -24.67 14.07 1.76
N LEU A 414 -24.95 13.17 0.83
CA LEU A 414 -26.32 12.95 0.37
C LEU A 414 -27.18 12.19 1.36
N CYS A 415 -26.60 11.30 2.15
CA CYS A 415 -27.38 10.49 3.08
C CYS A 415 -28.10 11.39 4.08
N ARG A 416 -29.39 11.12 4.28
CA ARG A 416 -30.22 11.89 5.19
C ARG A 416 -30.87 11.04 6.28
N ASP A 417 -30.50 9.78 6.39
CA ASP A 417 -31.03 8.88 7.42
C ASP A 417 -29.89 8.39 8.29
N PHE A 418 -30.08 8.46 9.61
CA PHE A 418 -29.05 7.96 10.53
C PHE A 418 -28.88 6.46 10.38
N GLY A 419 -29.99 5.73 10.21
CA GLY A 419 -29.90 4.30 9.95
C GLY A 419 -29.16 3.98 8.67
N GLY A 420 -29.14 4.90 7.70
CA GLY A 420 -28.38 4.72 6.50
C GLY A 420 -26.91 5.02 6.70
N LEU A 421 -26.62 6.14 7.39
CA LEU A 421 -25.24 6.46 7.71
C LEU A 421 -24.58 5.34 8.51
N ILE A 422 -25.37 4.64 9.32
CA ILE A 422 -24.86 3.45 10.01
C ILE A 422 -24.40 2.41 9.01
N VAL A 423 -25.05 2.35 7.85
CA VAL A 423 -24.62 1.44 6.80
C VAL A 423 -23.31 1.92 6.18
N VAL A 424 -23.18 3.23 5.99
CA VAL A 424 -21.95 3.78 5.41
C VAL A 424 -20.76 3.50 6.31
N CYS A 425 -20.98 3.53 7.63
CA CYS A 425 -19.89 3.27 8.57
C CYS A 425 -19.29 1.89 8.38
N LEU A 426 -20.14 0.88 8.11
CA LEU A 426 -19.63 -0.48 7.91
C LEU A 426 -18.70 -0.55 6.70
N PHE A 427 -19.10 0.09 5.60
CA PHE A 427 -18.24 0.08 4.42
C PHE A 427 -16.97 0.86 4.65
N LEU A 428 -17.04 1.97 5.41
CA LEU A 428 -15.82 2.68 5.77
C LEU A 428 -14.87 1.77 6.52
N GLY A 429 -15.39 1.02 7.50
CA GLY A 429 -14.55 0.10 8.25
C GLY A 429 -13.96 -1.00 7.37
N LEU A 430 -14.76 -1.53 6.45
CA LEU A 430 -14.25 -2.58 5.56
C LEU A 430 -13.13 -2.06 4.67
N CYS A 431 -13.31 -0.86 4.10
CA CYS A 431 -12.27 -0.28 3.26
C CYS A 431 -11.01 0.00 4.06
N ASP A 432 -11.18 0.48 5.30
CA ASP A 432 -10.00 0.74 6.14
C ASP A 432 -9.14 -0.50 6.27
N GLY A 433 -9.76 -1.65 6.58
CA GLY A 433 -8.99 -2.87 6.69
C GLY A 433 -8.40 -3.30 5.37
N PHE A 434 -9.21 -3.32 4.30
CA PHE A 434 -8.73 -3.77 3.00
C PHE A 434 -7.61 -2.91 2.45
N PHE A 435 -7.44 -1.69 2.96
CA PHE A 435 -6.31 -0.85 2.58
C PHE A 435 -5.12 -1.05 3.51
N ILE A 436 -5.34 -0.98 4.82
CA ILE A 436 -4.23 -0.95 5.77
C ILE A 436 -3.57 -2.33 5.86
N THR A 437 -4.37 -3.38 6.03
CA THR A 437 -3.80 -4.67 6.42
C THR A 437 -2.87 -5.25 5.36
N ILE A 438 -3.08 -4.87 4.09
CA ILE A 438 -2.45 -5.59 2.99
C ILE A 438 -1.17 -4.95 2.47
N MET A 439 -0.73 -3.84 3.08
CA MET A 439 0.41 -3.11 2.51
C MET A 439 1.70 -3.91 2.61
N ALA A 440 2.01 -4.43 3.80
CA ALA A 440 3.30 -5.10 3.99
C ALA A 440 3.44 -6.34 3.13
N PRO A 441 2.46 -7.25 3.07
CA PRO A 441 2.61 -8.41 2.17
C PRO A 441 2.87 -8.02 0.72
N ILE A 442 2.24 -6.95 0.24
CA ILE A 442 2.48 -6.51 -1.13
C ILE A 442 3.91 -6.01 -1.28
N ALA A 443 4.44 -5.33 -0.25
CA ALA A 443 5.84 -4.90 -0.31
C ALA A 443 6.78 -6.10 -0.37
N PHE A 444 6.51 -7.12 0.44
CA PHE A 444 7.32 -8.34 0.38
C PHE A 444 7.24 -8.98 -0.99
N GLU A 445 6.04 -9.08 -1.56
CA GLU A 445 5.91 -9.65 -2.91
C GLU A 445 6.70 -8.85 -3.93
N LEU A 446 6.61 -7.51 -3.85
CA LEU A 446 7.25 -6.67 -4.86
C LEU A 446 8.77 -6.76 -4.77
N VAL A 447 9.33 -6.59 -3.58
CA VAL A 447 10.78 -6.38 -3.44
C VAL A 447 11.47 -7.47 -2.65
N GLY A 448 10.90 -8.67 -2.53
CA GLY A 448 11.57 -9.76 -1.88
C GLY A 448 11.67 -9.52 -0.38
N PRO A 449 12.31 -10.45 0.33
CA PRO A 449 12.43 -10.28 1.79
C PRO A 449 13.59 -9.39 2.20
N MET A 450 14.61 -9.24 1.35
CA MET A 450 15.80 -8.50 1.76
C MET A 450 15.58 -7.00 1.71
N GLN A 451 14.80 -6.51 0.76
CA GLN A 451 14.58 -5.08 0.58
C GLN A 451 13.26 -4.60 1.14
N ALA A 452 12.52 -5.46 1.84
CA ALA A 452 11.22 -5.08 2.36
C ALA A 452 11.33 -3.95 3.37
N SER A 453 12.38 -3.94 4.17
CA SER A 453 12.54 -2.89 5.18
C SER A 453 12.64 -1.51 4.52
N GLN A 454 13.52 -1.39 3.53
CA GLN A 454 13.66 -0.12 2.81
C GLN A 454 12.38 0.24 2.08
N ALA A 455 11.74 -0.76 1.46
CA ALA A 455 10.49 -0.49 0.74
C ALA A 455 9.44 0.11 1.68
N ILE A 456 9.23 -0.52 2.84
CA ILE A 456 8.22 -0.05 3.78
C ILE A 456 8.60 1.31 4.33
N GLY A 457 9.88 1.51 4.67
CA GLY A 457 10.31 2.79 5.20
C GLY A 457 10.04 3.93 4.24
N TYR A 458 10.40 3.75 2.96
CA TYR A 458 10.18 4.82 2.00
C TYR A 458 8.70 4.98 1.67
N LEU A 459 7.92 3.90 1.68
CA LEU A 459 6.49 4.03 1.49
C LEU A 459 5.88 4.91 2.58
N LEU A 460 6.24 4.65 3.83
CA LEU A 460 5.73 5.48 4.93
C LEU A 460 6.24 6.91 4.82
N GLY A 461 7.51 7.08 4.45
CA GLY A 461 8.03 8.43 4.29
C GLY A 461 7.27 9.23 3.26
N MET A 462 6.94 8.61 2.13
CA MET A 462 6.12 9.29 1.13
C MET A 462 4.71 9.54 1.61
N MET A 463 4.11 8.60 2.33
CA MET A 463 2.75 8.79 2.83
C MET A 463 2.66 9.87 3.89
N ALA A 464 3.80 10.19 4.53
CA ALA A 464 3.76 11.05 5.72
C ALA A 464 3.04 12.37 5.45
N LEU A 465 3.38 13.06 4.36
CA LEU A 465 2.94 14.45 4.22
C LEU A 465 1.48 14.57 3.80
N PRO A 466 1.00 13.88 2.77
CA PRO A 466 -0.40 14.09 2.35
C PRO A 466 -1.43 13.81 3.44
N MET A 467 -1.22 12.79 4.27
CA MET A 467 -2.17 12.48 5.32
C MET A 467 -2.21 13.55 6.40
N ILE A 468 -1.11 14.27 6.60
CA ILE A 468 -1.13 15.40 7.52
C ILE A 468 -1.74 16.63 6.85
N ALA A 469 -1.58 16.76 5.53
CA ALA A 469 -2.09 17.94 4.84
C ALA A 469 -3.60 17.90 4.66
N GLY A 470 -4.18 16.70 4.52
CA GLY A 470 -5.57 16.57 4.18
C GLY A 470 -6.55 17.24 5.13
N PRO A 471 -6.63 16.75 6.37
CA PRO A 471 -7.66 17.22 7.30
C PRO A 471 -7.59 18.72 7.53
N PRO A 472 -6.39 19.31 7.60
CA PRO A 472 -6.33 20.77 7.68
C PRO A 472 -6.99 21.47 6.50
N ILE A 473 -6.81 20.93 5.29
CA ILE A 473 -7.45 21.51 4.11
C ILE A 473 -8.96 21.35 4.21
N ALA A 474 -9.41 20.20 4.71
CA ALA A 474 -10.85 20.01 4.92
C ALA A 474 -11.39 21.03 5.90
N GLY A 475 -10.66 21.30 6.99
CA GLY A 475 -11.10 22.30 7.93
C GLY A 475 -11.13 23.70 7.34
N LEU A 476 -10.13 24.02 6.52
CA LEU A 476 -10.13 25.31 5.84
C LEU A 476 -11.35 25.46 4.93
N LEU A 477 -11.68 24.39 4.19
CA LEU A 477 -12.86 24.44 3.33
C LEU A 477 -14.13 24.58 4.16
N ARG A 478 -14.19 23.89 5.31
CA ARG A 478 -15.33 24.06 6.20
C ARG A 478 -15.46 25.50 6.67
N ASN A 479 -14.35 26.12 7.06
CA ASN A 479 -14.40 27.52 7.46
C ASN A 479 -14.88 28.40 6.31
N CYS A 480 -14.40 28.15 5.11
CA CYS A 480 -14.75 28.99 3.96
C CYS A 480 -16.23 28.88 3.62
N PHE A 481 -16.76 27.66 3.58
CA PHE A 481 -18.08 27.42 3.00
C PHE A 481 -19.20 27.25 4.02
N GLY A 482 -18.89 27.03 5.30
CA GLY A 482 -19.90 26.86 6.31
C GLY A 482 -20.44 25.45 6.47
N ASP A 483 -19.97 24.49 5.69
CA ASP A 483 -20.46 23.12 5.77
C ASP A 483 -19.40 22.17 5.24
N TYR A 484 -19.58 20.89 5.53
CA TYR A 484 -18.63 19.85 5.14
C TYR A 484 -18.98 19.20 3.79
N HIS A 485 -20.03 19.65 3.11
CA HIS A 485 -20.39 19.04 1.84
C HIS A 485 -19.25 19.14 0.84
N VAL A 486 -18.72 20.35 0.66
CA VAL A 486 -17.61 20.55 -0.28
C VAL A 486 -16.38 19.80 0.20
N ALA A 487 -16.18 19.74 1.52
CA ALA A 487 -15.02 19.03 2.06
C ALA A 487 -15.06 17.56 1.67
N PHE A 488 -16.22 16.90 1.83
CA PHE A 488 -16.34 15.50 1.46
C PHE A 488 -16.25 15.33 -0.06
N TYR A 489 -16.86 16.24 -0.81
CA TYR A 489 -16.77 16.16 -2.27
C TYR A 489 -15.32 16.18 -2.73
N PHE A 490 -14.51 17.06 -2.15
CA PHE A 490 -13.11 17.14 -2.53
C PHE A 490 -12.28 16.00 -1.94
N ALA A 491 -12.68 15.45 -0.80
CA ALA A 491 -11.96 14.31 -0.24
C ALA A 491 -12.22 13.04 -1.05
N GLY A 492 -13.31 13.00 -1.80
CA GLY A 492 -13.62 11.81 -2.57
C GLY A 492 -12.76 11.60 -3.79
N VAL A 493 -12.10 12.64 -4.28
CA VAL A 493 -11.38 12.59 -5.57
C VAL A 493 -10.04 11.87 -5.43
N PRO A 494 -9.18 12.25 -4.48
CA PRO A 494 -7.82 11.69 -4.46
C PRO A 494 -7.83 10.17 -4.37
N PRO A 495 -8.74 9.57 -3.60
CA PRO A 495 -8.82 8.10 -3.62
C PRO A 495 -9.10 7.52 -5.00
N ILE A 496 -9.97 8.17 -5.77
CA ILE A 496 -10.27 7.68 -7.12
C ILE A 496 -9.06 7.84 -8.02
N ILE A 497 -8.35 8.96 -7.89
CA ILE A 497 -7.14 9.14 -8.69
C ILE A 497 -6.11 8.07 -8.34
N GLY A 498 -5.96 7.76 -7.05
CA GLY A 498 -5.04 6.72 -6.64
C GLY A 498 -5.44 5.35 -7.17
N ALA A 499 -6.74 5.05 -7.17
CA ALA A 499 -7.21 3.80 -7.75
C ALA A 499 -6.88 3.72 -9.22
N VAL A 500 -7.11 4.80 -9.96
CA VAL A 500 -6.78 4.81 -11.39
C VAL A 500 -5.29 4.59 -11.60
N ILE A 501 -4.46 5.24 -10.77
CA ILE A 501 -3.02 5.06 -10.90
C ILE A 501 -2.63 3.62 -10.63
N LEU A 502 -3.17 3.02 -9.57
CA LEU A 502 -2.82 1.65 -9.23
C LEU A 502 -3.32 0.66 -10.27
N PHE A 503 -4.37 1.00 -11.02
CA PHE A 503 -4.90 0.07 -12.00
C PHE A 503 -3.90 -0.23 -13.12
N PHE A 504 -2.86 0.57 -13.27
CA PHE A 504 -1.90 0.41 -14.36
C PHE A 504 -0.51 0.02 -13.88
N VAL A 505 -0.42 -0.76 -12.81
CA VAL A 505 0.90 -1.25 -12.37
C VAL A 505 1.35 -2.36 -13.31
N PRO A 506 2.56 -2.29 -13.87
CA PRO A 506 2.98 -3.28 -14.87
C PRO A 506 3.01 -4.69 -14.29
N SER A 507 2.74 -5.66 -15.16
CA SER A 507 2.84 -7.06 -14.78
C SER A 507 4.27 -7.54 -14.86
N ARG A 508 4.53 -8.69 -14.22
CA ARG A 508 5.89 -9.23 -14.19
C ARG A 508 6.36 -9.61 -15.58
N LEU A 509 5.49 -10.22 -16.40
CA LEU A 509 5.86 -10.52 -17.78
C LEU A 509 5.89 -9.25 -18.63
N GLU A 510 5.00 -8.30 -18.34
CA GLU A 510 4.95 -7.07 -19.11
C GLU A 510 6.24 -6.26 -18.97
N GLU A 511 6.84 -6.25 -17.79
CA GLU A 511 8.11 -5.56 -17.62
C GLU A 511 9.18 -6.13 -18.55
N GLU A 512 9.30 -7.47 -18.57
CA GLU A 512 10.29 -8.09 -19.43
C GLU A 512 9.97 -7.85 -20.91
N LEU A 513 8.68 -7.90 -21.27
CA LEU A 513 8.32 -7.63 -22.66
C LEU A 513 8.70 -6.21 -23.06
N ARG A 514 8.46 -5.24 -22.18
CA ARG A 514 8.86 -3.86 -22.47
C ARG A 514 10.37 -3.75 -22.59
N ARG A 515 11.11 -4.44 -21.71
CA ARG A 515 12.57 -4.42 -21.80
C ARG A 515 13.04 -4.95 -23.14
N ARG A 516 12.48 -6.08 -23.57
CA ARG A 516 12.86 -6.66 -24.85
C ARG A 516 12.51 -5.74 -26.01
N LEU A 517 11.32 -5.13 -25.97
CA LEU A 517 10.94 -4.22 -27.04
C LEU A 517 11.83 -2.98 -27.09
N THR A 518 12.27 -2.48 -25.94
CA THR A 518 13.15 -1.32 -25.92
C THR A 518 14.57 -1.66 -26.35
N GLU A 519 15.10 -2.81 -25.95
CA GLU A 519 16.44 -3.20 -26.33
C GLU A 519 16.50 -3.61 -27.80
N VAL B 4 7.90 -26.37 -24.40
CA VAL B 4 7.20 -25.63 -25.44
C VAL B 4 7.97 -25.73 -26.75
N GLN B 5 7.25 -25.91 -27.85
CA GLN B 5 7.85 -26.02 -29.18
C GLN B 5 7.01 -25.24 -30.19
N LEU B 6 7.69 -24.50 -31.06
CA LEU B 6 7.05 -23.70 -32.10
C LEU B 6 7.47 -24.28 -33.45
N GLN B 7 6.49 -24.77 -34.22
CA GLN B 7 6.78 -25.66 -35.33
C GLN B 7 6.32 -25.12 -36.69
N GLU B 8 5.07 -24.69 -36.79
CA GLU B 8 4.44 -24.51 -38.09
C GLU B 8 5.17 -23.51 -38.98
N SER B 9 5.55 -22.34 -38.45
CA SER B 9 6.25 -21.33 -39.24
C SER B 9 5.36 -20.80 -40.36
N GLY B 10 5.87 -19.84 -41.13
CA GLY B 10 5.10 -19.25 -42.20
C GLY B 10 5.92 -18.24 -42.95
N GLY B 11 5.23 -17.41 -43.73
CA GLY B 11 5.90 -16.36 -44.47
C GLY B 11 5.09 -15.94 -45.67
N GLY B 12 5.65 -15.00 -46.41
CA GLY B 12 5.00 -14.52 -47.63
C GLY B 12 5.84 -13.44 -48.29
N LEU B 13 5.42 -13.09 -49.50
CA LEU B 13 6.07 -12.06 -50.31
C LEU B 13 5.00 -11.14 -50.88
N VAL B 14 5.24 -9.83 -50.83
CA VAL B 14 4.28 -8.84 -51.28
C VAL B 14 5.00 -7.61 -51.80
N GLN B 15 4.23 -6.73 -52.44
CA GLN B 15 4.75 -5.45 -52.90
C GLN B 15 4.67 -4.42 -51.77
N PRO B 16 5.38 -3.29 -51.91
CA PRO B 16 5.24 -2.22 -50.92
C PRO B 16 3.80 -1.76 -50.80
N GLY B 17 3.38 -1.47 -49.57
CA GLY B 17 2.00 -1.11 -49.31
C GLY B 17 1.05 -2.28 -49.21
N GLY B 18 1.54 -3.51 -49.29
CA GLY B 18 0.69 -4.68 -49.19
C GLY B 18 0.44 -5.09 -47.75
N SER B 19 0.06 -6.35 -47.59
CA SER B 19 -0.22 -6.89 -46.27
C SER B 19 0.09 -8.38 -46.24
N LEU B 20 0.29 -8.90 -45.04
CA LEU B 20 0.57 -10.31 -44.84
C LEU B 20 0.09 -10.72 -43.45
N ARG B 21 -0.23 -12.00 -43.31
CA ARG B 21 -0.77 -12.52 -42.05
C ARG B 21 -0.07 -13.82 -41.70
N LEU B 22 0.10 -14.07 -40.40
CA LEU B 22 0.69 -15.29 -39.89
C LEU B 22 -0.14 -15.81 -38.73
N SER B 23 -0.19 -17.13 -38.58
CA SER B 23 -0.92 -17.76 -37.49
C SER B 23 -0.51 -19.22 -37.41
N CYS B 24 -0.36 -19.73 -36.19
CA CYS B 24 0.09 -21.09 -35.99
C CYS B 24 -0.25 -21.51 -34.57
N THR B 25 -0.07 -22.81 -34.29
CA THR B 25 -0.29 -23.38 -32.97
C THR B 25 1.01 -23.99 -32.46
N ALA B 26 1.30 -23.76 -31.18
CA ALA B 26 2.51 -24.30 -30.58
C ALA B 26 2.36 -25.80 -30.33
N SER B 27 3.41 -26.39 -29.77
CA SER B 27 3.44 -27.82 -29.48
C SER B 27 4.41 -28.08 -28.34
N GLY B 28 4.30 -29.27 -27.76
CA GLY B 28 5.17 -29.66 -26.66
C GLY B 28 4.86 -28.99 -25.34
N VAL B 29 3.64 -28.50 -25.15
CA VAL B 29 3.27 -27.84 -23.90
C VAL B 29 1.76 -27.94 -23.74
N THR B 30 1.32 -28.01 -22.49
CA THR B 30 -0.10 -28.06 -22.20
C THR B 30 -0.72 -26.67 -22.27
N ILE B 31 -2.03 -26.63 -22.55
CA ILE B 31 -2.73 -25.35 -22.66
C ILE B 31 -2.70 -24.61 -21.33
N SER B 32 -2.87 -25.34 -20.22
CA SER B 32 -2.85 -24.70 -18.91
C SER B 32 -1.51 -24.05 -18.63
N ALA B 33 -0.42 -24.74 -18.92
CA ALA B 33 0.91 -24.17 -18.71
C ALA B 33 1.15 -22.99 -19.66
N LEU B 34 0.70 -23.10 -20.90
CA LEU B 34 0.90 -22.02 -21.87
C LEU B 34 0.14 -20.77 -21.47
N ASN B 35 -1.05 -20.92 -20.88
CA ASN B 35 -1.85 -19.76 -20.50
C ASN B 35 -1.11 -18.86 -19.52
N ALA B 36 -0.16 -19.40 -18.77
CA ALA B 36 0.70 -18.62 -17.90
C ALA B 36 1.93 -18.09 -18.63
N MET B 37 2.03 -18.33 -19.92
CA MET B 37 3.17 -17.91 -20.73
C MET B 37 2.72 -16.92 -21.80
N ALA B 38 3.60 -15.99 -22.14
CA ALA B 38 3.32 -15.00 -23.16
C ALA B 38 3.90 -15.44 -24.50
N MET B 39 3.39 -14.83 -25.57
CA MET B 39 3.81 -15.14 -26.94
C MET B 39 4.24 -13.87 -27.64
N GLY B 40 5.16 -14.01 -28.58
CA GLY B 40 5.65 -12.85 -29.30
C GLY B 40 6.40 -13.26 -30.55
N TRP B 41 6.86 -12.25 -31.29
CA TRP B 41 7.57 -12.43 -32.54
C TRP B 41 8.90 -11.68 -32.48
N TYR B 42 9.93 -12.28 -33.05
CA TYR B 42 11.24 -11.67 -33.16
C TYR B 42 11.55 -11.32 -34.61
N ARG B 43 12.62 -10.53 -34.79
CA ARG B 43 13.00 -10.03 -36.10
C ARG B 43 14.52 -10.04 -36.23
N GLN B 44 15.00 -10.33 -37.43
CA GLN B 44 16.43 -10.24 -37.73
C GLN B 44 16.58 -10.02 -39.23
N ALA B 45 16.85 -8.78 -39.63
CA ALA B 45 17.23 -8.49 -40.99
C ALA B 45 18.72 -8.75 -41.18
N PRO B 46 19.17 -8.88 -42.43
CA PRO B 46 20.60 -9.10 -42.66
C PRO B 46 21.45 -8.02 -42.00
N GLY B 47 22.42 -8.45 -41.20
CA GLY B 47 23.30 -7.53 -40.50
C GLY B 47 22.72 -6.94 -39.24
N GLU B 48 21.51 -7.33 -38.84
CA GLU B 48 20.89 -6.78 -37.65
C GLU B 48 20.96 -7.78 -36.49
N ARG B 49 20.82 -7.25 -35.28
CA ARG B 49 20.71 -8.10 -34.10
C ARG B 49 19.27 -8.57 -33.93
N ARG B 50 19.10 -9.71 -33.27
CA ARG B 50 17.77 -10.27 -33.07
C ARG B 50 17.06 -9.51 -31.95
N VAL B 51 15.90 -8.93 -32.28
CA VAL B 51 15.13 -8.11 -31.36
C VAL B 51 13.66 -8.50 -31.44
N MET B 52 12.92 -8.18 -30.39
CA MET B 52 11.49 -8.42 -30.37
C MET B 52 10.75 -7.23 -30.98
N VAL B 53 9.68 -7.53 -31.72
CA VAL B 53 8.91 -6.51 -32.42
C VAL B 53 7.50 -6.39 -31.85
N ALA B 54 6.83 -7.51 -31.58
CA ALA B 54 5.49 -7.49 -31.03
C ALA B 54 5.31 -8.69 -30.11
N ALA B 55 4.43 -8.55 -29.13
CA ALA B 55 4.18 -9.62 -28.18
C ALA B 55 2.80 -9.43 -27.55
N VAL B 56 2.30 -10.51 -26.96
CA VAL B 56 1.03 -10.52 -26.24
C VAL B 56 1.32 -10.89 -24.80
N SER B 57 0.87 -10.05 -23.88
CA SER B 57 1.16 -10.26 -22.47
C SER B 57 0.19 -11.27 -21.86
N GLU B 58 0.45 -11.64 -20.60
CA GLU B 58 -0.41 -12.59 -19.91
C GLU B 58 -1.83 -12.04 -19.77
N ARG B 59 -1.96 -10.75 -19.46
CA ARG B 59 -3.27 -10.12 -19.35
C ARG B 59 -3.86 -9.73 -20.70
N GLY B 60 -3.18 -10.04 -21.80
CA GLY B 60 -3.67 -9.75 -23.12
C GLY B 60 -3.21 -8.43 -23.71
N ASN B 61 -2.48 -7.62 -22.95
CA ASN B 61 -1.98 -6.34 -23.44
C ASN B 61 -0.97 -6.54 -24.55
N ALA B 62 -1.24 -5.97 -25.72
CA ALA B 62 -0.33 -6.06 -26.85
C ALA B 62 0.65 -4.90 -26.84
N MET B 63 1.93 -5.20 -27.09
CA MET B 63 2.98 -4.18 -27.10
C MET B 63 3.78 -4.32 -28.38
N TYR B 64 4.24 -3.17 -28.89
CA TYR B 64 4.89 -3.12 -30.19
C TYR B 64 6.16 -2.27 -30.10
N ARG B 65 7.15 -2.65 -30.91
CA ARG B 65 8.35 -1.85 -31.07
C ARG B 65 8.06 -0.64 -31.95
N GLU B 66 8.89 0.39 -31.81
CA GLU B 66 8.64 1.65 -32.52
C GLU B 66 8.63 1.44 -34.04
N SER B 67 9.55 0.65 -34.58
CA SER B 67 9.61 0.44 -36.02
C SER B 67 8.33 -0.18 -36.57
N VAL B 68 7.69 -1.08 -35.82
CA VAL B 68 6.48 -1.76 -36.29
C VAL B 68 5.21 -1.22 -35.64
N GLN B 69 5.30 -0.49 -34.54
CA GLN B 69 4.10 -0.01 -33.87
C GLN B 69 3.33 0.95 -34.77
N GLY B 70 2.01 0.83 -34.73
CA GLY B 70 1.14 1.66 -35.56
C GLY B 70 0.78 1.06 -36.89
N ARG B 71 1.47 0.00 -37.32
CA ARG B 71 1.16 -0.66 -38.59
C ARG B 71 0.72 -2.10 -38.36
N PHE B 72 1.50 -2.84 -37.59
CA PHE B 72 1.21 -4.25 -37.34
C PHE B 72 0.28 -4.40 -36.13
N THR B 73 -0.43 -5.52 -36.10
CA THR B 73 -1.28 -5.88 -34.98
C THR B 73 -1.12 -7.36 -34.68
N VAL B 74 -1.33 -7.71 -33.41
CA VAL B 74 -1.15 -9.09 -32.94
C VAL B 74 -2.37 -9.50 -32.12
N THR B 75 -2.70 -10.78 -32.18
CA THR B 75 -3.81 -11.34 -31.41
C THR B 75 -3.43 -12.74 -30.95
N ARG B 76 -4.08 -13.19 -29.88
CA ARG B 76 -3.79 -14.48 -29.28
C ARG B 76 -5.07 -15.28 -29.09
N ASP B 77 -5.00 -16.58 -29.33
CA ASP B 77 -6.07 -17.53 -29.03
C ASP B 77 -5.55 -18.44 -27.92
N PHE B 78 -5.96 -18.14 -26.68
CA PHE B 78 -5.39 -18.82 -25.53
C PHE B 78 -5.67 -20.32 -25.56
N THR B 79 -6.92 -20.71 -25.80
CA THR B 79 -7.28 -22.11 -25.77
C THR B 79 -6.67 -22.90 -26.92
N ASN B 80 -6.41 -22.26 -28.06
CA ASN B 80 -5.86 -22.93 -29.23
C ASN B 80 -4.35 -22.95 -29.27
N LYS B 81 -3.68 -22.30 -28.30
CA LYS B 81 -2.23 -22.19 -28.30
C LYS B 81 -1.71 -21.46 -29.53
N MET B 82 -2.47 -20.47 -30.00
CA MET B 82 -2.15 -19.78 -31.24
C MET B 82 -2.02 -18.29 -31.01
N VAL B 83 -1.13 -17.67 -31.79
CA VAL B 83 -0.97 -16.22 -31.84
C VAL B 83 -0.91 -15.83 -33.31
N SER B 84 -1.64 -14.77 -33.65
CA SER B 84 -1.74 -14.31 -35.02
C SER B 84 -1.12 -12.92 -35.16
N LEU B 85 -0.25 -12.78 -36.15
CA LEU B 85 0.39 -11.51 -36.46
C LEU B 85 -0.16 -11.00 -37.79
N GLN B 86 -0.72 -9.80 -37.77
CA GLN B 86 -1.26 -9.15 -38.97
C GLN B 86 -0.35 -8.00 -39.33
N MET B 87 0.17 -8.03 -40.56
CA MET B 87 1.11 -7.01 -41.05
C MET B 87 0.40 -6.22 -42.16
N ASP B 88 -0.03 -5.02 -41.80
CA ASP B 88 -0.69 -4.13 -42.75
C ASP B 88 0.23 -2.97 -43.13
N ASN B 89 0.15 -2.56 -44.39
CA ASN B 89 0.96 -1.47 -44.91
C ASN B 89 2.45 -1.81 -44.82
N LEU B 90 2.83 -2.91 -45.47
CA LEU B 90 4.22 -3.33 -45.47
C LEU B 90 5.06 -2.42 -46.36
N LYS B 91 6.36 -2.37 -46.06
CA LYS B 91 7.31 -1.52 -46.78
C LYS B 91 8.60 -2.30 -46.98
N PRO B 92 9.45 -1.87 -47.91
CA PRO B 92 10.69 -2.62 -48.18
C PRO B 92 11.55 -2.84 -46.96
N GLU B 93 11.60 -1.87 -46.03
CA GLU B 93 12.42 -2.03 -44.83
C GLU B 93 11.93 -3.16 -43.93
N ASP B 94 10.71 -3.63 -44.12
CA ASP B 94 10.18 -4.73 -43.32
C ASP B 94 10.79 -6.08 -43.68
N THR B 95 11.50 -6.17 -44.80
CA THR B 95 12.12 -7.44 -45.21
C THR B 95 13.08 -7.94 -44.15
N ALA B 96 12.76 -9.06 -43.53
CA ALA B 96 13.60 -9.64 -42.49
C ALA B 96 13.05 -11.01 -42.11
N VAL B 97 13.86 -11.77 -41.39
CA VAL B 97 13.46 -13.08 -40.89
C VAL B 97 12.83 -12.90 -39.52
N TYR B 98 11.71 -13.59 -39.29
CA TYR B 98 10.98 -13.51 -38.03
C TYR B 98 10.86 -14.89 -37.41
N TYR B 99 10.90 -14.94 -36.08
CA TYR B 99 10.86 -16.19 -35.34
C TYR B 99 9.74 -16.13 -34.31
N CYS B 100 8.98 -17.20 -34.19
CA CYS B 100 7.97 -17.29 -33.14
C CYS B 100 8.65 -17.44 -31.79
N HIS B 101 8.10 -16.77 -30.77
CA HIS B 101 8.75 -16.68 -29.48
C HIS B 101 7.74 -16.86 -28.37
N VAL B 102 8.17 -17.53 -27.30
CA VAL B 102 7.36 -17.73 -26.10
C VAL B 102 8.23 -17.44 -24.88
N LEU B 103 7.60 -16.94 -23.82
CA LEU B 103 8.30 -16.57 -22.59
C LEU B 103 7.48 -17.05 -21.39
N GLU B 104 8.17 -17.40 -20.32
CA GLU B 104 7.53 -17.85 -19.08
C GLU B 104 8.14 -17.11 -17.91
N ASP B 105 7.34 -16.89 -16.86
CA ASP B 105 7.83 -16.25 -15.65
C ASP B 105 8.34 -17.31 -14.68
N ARG B 106 9.47 -17.02 -14.04
CA ARG B 106 10.07 -17.92 -13.06
C ARG B 106 10.79 -17.10 -12.00
N VAL B 107 11.17 -17.77 -10.92
CA VAL B 107 11.77 -17.10 -9.77
C VAL B 107 13.09 -16.46 -10.17
N ASP B 108 13.13 -15.13 -10.16
CA ASP B 108 14.35 -14.37 -10.47
C ASP B 108 14.97 -14.84 -11.77
N SER B 109 14.14 -15.25 -12.73
CA SER B 109 14.62 -15.76 -14.01
C SER B 109 13.42 -15.99 -14.90
N PHE B 110 13.69 -16.33 -16.16
CA PHE B 110 12.66 -16.59 -17.15
C PHE B 110 13.07 -17.76 -18.03
N HIS B 111 12.09 -18.37 -18.68
CA HIS B 111 12.31 -19.45 -19.63
C HIS B 111 11.86 -18.98 -21.01
N ASP B 112 12.74 -19.12 -22.00
CA ASP B 112 12.52 -18.60 -23.34
C ASP B 112 12.53 -19.76 -24.33
N TYR B 113 11.75 -19.62 -25.40
CA TYR B 113 11.68 -20.59 -26.48
C TYR B 113 11.71 -19.87 -27.81
N TRP B 114 12.20 -20.56 -28.85
CA TRP B 114 12.29 -20.00 -30.19
C TRP B 114 11.72 -20.98 -31.21
N GLY B 115 11.21 -20.44 -32.30
CA GLY B 115 10.61 -21.23 -33.35
C GLY B 115 11.41 -21.16 -34.65
N GLN B 116 10.91 -21.89 -35.64
CA GLN B 116 11.54 -21.92 -36.95
C GLN B 116 11.41 -20.56 -37.62
N GLY B 117 12.48 -20.14 -38.30
CA GLY B 117 12.48 -18.83 -38.94
C GLY B 117 11.39 -18.72 -39.98
N THR B 118 10.74 -17.57 -40.03
CA THR B 118 9.73 -17.27 -41.02
C THR B 118 10.23 -16.16 -41.95
N GLN B 119 9.99 -16.32 -43.24
CA GLN B 119 10.51 -15.42 -44.25
C GLN B 119 9.42 -14.44 -44.68
N VAL B 120 9.71 -13.14 -44.52
CA VAL B 120 8.83 -12.08 -44.98
C VAL B 120 9.67 -11.07 -45.74
N THR B 121 9.32 -10.82 -46.99
CA THR B 121 10.06 -9.92 -47.87
C THR B 121 9.09 -9.01 -48.60
N VAL B 122 9.53 -7.78 -48.85
CA VAL B 122 8.77 -6.79 -49.60
C VAL B 122 9.64 -6.31 -50.75
N SER B 123 9.13 -6.41 -51.98
CA SER B 123 9.87 -6.01 -53.17
C SER B 123 8.91 -5.38 -54.16
N SER B 124 9.39 -4.34 -54.85
CA SER B 124 8.58 -3.65 -55.85
C SER B 124 8.87 -4.18 -57.25
C10 A1IET C . -4.85 8.41 12.70
O21 A1IET C . -2.83 0.11 12.42
C23 A1IET C . -0.85 0.49 10.28
C24 A1IET C . 0.02 0.73 9.23
C27 A1IET C . -1.89 2.61 9.99
O28 A1IET C . -2.84 3.59 10.33
O31 A1IET C . -4.88 1.74 12.68
C01 A1IET C . -3.35 14.55 12.76
C03 A1IET C . -4.54 13.08 11.22
C04 A1IET C . -4.12 12.94 9.87
C05 A1IET C . -4.28 11.69 9.28
C06 A1IET C . -4.83 10.60 9.97
C07 A1IET C . -5.25 10.67 11.31
C08 A1IET C . -5.08 11.96 11.88
C09 A1IET C . -5.88 9.41 12.06
C11 A1IET C . -5.06 7.08 11.96
C12 A1IET C . -6.23 7.23 11.18
C14 A1IET C . -6.65 6.16 10.39
C15 A1IET C . -5.92 4.93 10.38
C16 A1IET C . -4.75 4.74 11.16
C17 A1IET C . -4.38 5.85 11.92
C18 A1IET C . -4.05 3.30 11.04
C19 A1IET C . -3.71 2.33 12.25
C20 A1IET C . -2.76 1.13 11.83
C22 A1IET C . -1.85 1.41 10.71
C25 A1IET C . -0.08 1.95 8.55
C26 A1IET C . -1.04 2.90 8.93
C33 A1IET C . -5.08 8.43 14.22
O02 A1IET C . -4.39 14.32 11.83
O13 A1IET C . -6.79 8.52 11.34
O29 A1IET C . 0.80 2.15 7.52
O30 A1IET C . -0.83 -0.66 11.01
O32 A1IET C . -7.77 6.23 9.61
O34 A1IET C . -4.43 7.35 14.79
O35 A1IET C . -3.59 14.00 9.22
H101 A1IET C . -3.82 8.75 12.47
H241 A1IET C . 0.78 -0.01 8.93
H311 A1IET C . -4.68 1.02 13.29
H012 A1IET C . -2.97 15.59 12.64
H013 A1IET C . -2.44 13.94 12.61
H011 A1IET C . -3.64 14.46 13.81
H051 A1IET C . -3.96 11.57 8.24
H061 A1IET C . -4.93 9.64 9.46
H081 A1IET C . -5.39 12.14 12.92
H091 A1IET C . -6.51 9.88 12.86
H151 A1IET C . -6.29 4.11 9.75
H171 A1IET C . -3.47 5.78 12.55
H181 A1IET C . -4.74 2.65 10.43
H191 A1IET C . -3.16 2.82 13.10
H261 A1IET C . -1.08 3.85 8.35
H331 A1IET C . -6.17 8.48 14.50
H332 A1IET C . -4.68 9.40 14.60
H291 A1IET C . 1.17 3.04 7.53
H301 A1IET C . -1.28 -1.38 10.55
H321 A1IET C . -8.05 7.13 9.40
H341 A1IET C . -3.59 7.24 14.32
H351 A1IET C . -4.10 14.22 8.43
#